data_7XIK
#
_entry.id   7XIK
#
_cell.length_a   84.959
_cell.length_b   145.859
_cell.length_c   144.152
_cell.angle_alpha   90.000
_cell.angle_beta   90.000
_cell.angle_gamma   90.000
#
_symmetry.space_group_name_H-M   'C 2 2 21'
#
loop_
_entity.id
_entity.type
_entity.pdbx_description
1 polymer 'Spike protein S1'
2 polymer 'B38 Fab heavy chain'
3 polymer 'B38 Fab light chain'
#
loop_
_entity_poly.entity_id
_entity_poly.type
_entity_poly.pdbx_seq_one_letter_code
_entity_poly.pdbx_strand_id
1 'polypeptide(L)'
;RVQPTESIVRFPNITNLCPFDEVFNATRFASVYAWNRKRISNCVADYSVLYNLAPFFTFKCYGVSPTKLNDLCFTNVYAD
SFVIRGDEVRQIAPGQTGNIADYNYKLPDDFTGCVIAWNSNKLDSKVSGNYNYLYRLFRKSNLKPFERDISTEIYQAGNK
PCNGVAGFNCYFPLRSYSFRPTYGVGHQPYRVVVLSFELLHAPATVCGPKKSTNLVKNKHHHHHH
;
A
2 'polypeptide(L)'
;GDEVQLVESGGGLVQPGGSLRLSCAASGFIVGWNYMSWVRQAPGKGLEWVSVIYPGGSTYYADSVKGRFTISRHNSKNTL
YLQMNSLRAEDTAVYYCAREAYGMDVWGQGTTVTVSSASTKGPSVFPLAPSSKSTSGGTAALGCLVKDYFPEPVTVSWNS
GALTSGVHTFPAVLQSSGLYSLSSVVTVPSSSLGTQTYICNVNHKPSNTKVDKRVEPKSCDK
;
H
3 'polypeptide(L)'
;GDDIVMTQSPSFLSASVGDRVTITCRASQGIPSSYLAWYQQKPGKAPKLLIYAASTLQSGVPSRFSGSGSGTEFTLTISS
LQPEDFATYYCQQLNSYPPYTFGQGTKLEIKRTVAAPSVFIFPPSDEQLKSGTASVVCLLNNFYPREAKVQWKVDNALQS
GNSQESVTEQDSKDSTYSLSSTLTLSKADYEKHKVYACEVTHQGLSSPVTKSFNRGECS
;
L
#
# COMPACT_ATOMS: atom_id res chain seq x y z
N ASN A 16 34.69 -45.59 13.40
CA ASN A 16 34.07 -46.01 12.16
C ASN A 16 33.44 -44.82 11.44
N LEU A 17 32.30 -45.04 10.79
CA LEU A 17 31.67 -44.01 9.97
C LEU A 17 30.99 -42.96 10.84
N CYS A 18 30.99 -41.72 10.35
CA CYS A 18 30.33 -40.63 11.06
C CYS A 18 28.81 -40.78 10.97
N PRO A 19 28.08 -40.41 12.02
CA PRO A 19 26.63 -40.65 12.06
C PRO A 19 25.84 -39.58 11.30
N PHE A 20 26.13 -39.47 10.00
CA PHE A 20 25.46 -38.45 9.20
C PHE A 20 23.98 -38.76 9.01
N ASP A 21 23.63 -40.04 8.83
CA ASP A 21 22.23 -40.41 8.70
C ASP A 21 21.46 -40.12 9.98
N GLU A 22 22.16 -40.10 11.12
CA GLU A 22 21.52 -39.79 12.39
C GLU A 22 20.94 -38.39 12.41
N VAL A 23 21.53 -37.48 11.63
CA VAL A 23 21.10 -36.08 11.64
C VAL A 23 20.44 -35.66 10.32
N PHE A 24 20.70 -36.36 9.23
CA PHE A 24 20.14 -36.01 7.92
C PHE A 24 18.85 -36.77 7.64
N ASN A 25 18.91 -38.10 7.74
CA ASN A 25 17.73 -38.95 7.61
C ASN A 25 16.95 -39.05 8.92
N ALA A 26 17.16 -38.10 9.84
CA ALA A 26 16.46 -38.10 11.10
C ALA A 26 14.96 -37.84 10.89
N THR A 27 14.15 -38.41 11.79
CA THR A 27 12.70 -38.32 11.63
C THR A 27 12.17 -36.97 12.07
N ARG A 28 12.56 -36.52 13.26
CA ARG A 28 12.09 -35.26 13.79
C ARG A 28 13.15 -34.16 13.84
N PHE A 29 12.88 -33.05 13.16
CA PHE A 29 13.78 -31.91 13.15
C PHE A 29 13.29 -30.85 14.13
N ALA A 30 14.16 -29.88 14.40
CA ALA A 30 13.92 -28.89 15.44
C ALA A 30 13.45 -27.57 14.85
N SER A 31 12.75 -26.80 15.69
CA SER A 31 12.47 -25.42 15.35
C SER A 31 13.77 -24.62 15.30
N VAL A 32 13.84 -23.65 14.38
CA VAL A 32 15.11 -22.99 14.08
C VAL A 32 15.61 -22.20 15.28
N TYR A 33 14.71 -21.62 16.07
CA TYR A 33 15.16 -20.88 17.26
C TYR A 33 15.85 -21.80 18.25
N ALA A 34 15.42 -23.07 18.31
CA ALA A 34 16.04 -24.11 19.13
C ALA A 34 16.90 -25.03 18.29
N TRP A 35 17.64 -24.47 17.32
CA TRP A 35 18.34 -25.26 16.33
C TRP A 35 19.25 -26.28 16.99
N ASN A 36 19.20 -27.50 16.48
CA ASN A 36 19.92 -28.60 17.09
C ASN A 36 21.38 -28.59 16.67
N ARG A 37 22.27 -28.97 17.58
CA ARG A 37 23.69 -29.09 17.29
C ARG A 37 24.14 -30.49 17.65
N LYS A 38 24.86 -31.12 16.73
CA LYS A 38 25.38 -32.49 16.88
C LYS A 38 26.90 -32.39 16.71
N ARG A 39 27.63 -32.47 17.81
CA ARG A 39 29.08 -32.51 17.72
C ARG A 39 29.53 -33.82 17.11
N ILE A 40 30.55 -33.77 16.26
CA ILE A 40 30.99 -34.92 15.50
C ILE A 40 32.51 -35.00 15.59
N SER A 41 33.01 -36.15 16.04
CA SER A 41 34.43 -36.38 16.23
C SER A 41 34.68 -37.88 16.19
N ASN A 42 35.94 -38.23 15.91
CA ASN A 42 36.41 -39.62 16.01
C ASN A 42 35.63 -40.55 15.08
N CYS A 43 35.58 -40.19 13.80
CA CYS A 43 34.92 -41.03 12.81
C CYS A 43 35.42 -40.66 11.43
N VAL A 44 35.18 -41.57 10.48
CA VAL A 44 35.46 -41.29 9.08
C VAL A 44 34.23 -40.66 8.45
N ALA A 45 34.43 -39.57 7.71
CA ALA A 45 33.33 -38.80 7.14
C ALA A 45 33.28 -39.05 5.64
N ASP A 46 32.17 -39.62 5.17
CA ASP A 46 31.90 -39.75 3.75
C ASP A 46 30.88 -38.67 3.39
N TYR A 47 31.30 -37.72 2.57
CA TYR A 47 30.41 -36.65 2.14
C TYR A 47 29.67 -37.00 0.85
N SER A 48 30.17 -37.97 0.09
CA SER A 48 29.56 -38.33 -1.19
C SER A 48 28.14 -38.86 -1.03
N VAL A 49 27.73 -39.21 0.19
CA VAL A 49 26.39 -39.71 0.42
C VAL A 49 25.42 -38.65 0.89
N LEU A 50 25.84 -37.37 1.00
CA LEU A 50 24.87 -36.43 1.55
C LEU A 50 23.82 -36.00 0.53
N TYR A 51 23.94 -36.41 -0.72
CA TYR A 51 22.95 -36.10 -1.75
C TYR A 51 21.84 -37.13 -1.66
N ASN A 52 20.71 -36.74 -1.07
CA ASN A 52 19.56 -37.63 -0.94
C ASN A 52 18.55 -37.47 -2.07
N LEU A 53 18.84 -36.59 -3.04
CA LEU A 53 17.96 -36.35 -4.19
C LEU A 53 16.56 -35.96 -3.74
N ALA A 54 16.49 -35.14 -2.69
CA ALA A 54 15.24 -34.53 -2.28
C ALA A 54 14.84 -33.46 -3.31
N PRO A 55 13.54 -33.04 -3.32
CA PRO A 55 13.06 -32.13 -4.37
C PRO A 55 13.96 -30.95 -4.71
N PHE A 56 14.28 -30.11 -3.74
CA PHE A 56 15.06 -28.89 -3.99
C PHE A 56 16.33 -28.97 -3.14
N PHE A 57 17.35 -29.62 -3.69
CA PHE A 57 18.58 -29.89 -2.97
C PHE A 57 19.54 -28.71 -3.12
N THR A 58 19.91 -28.09 -2.00
CA THR A 58 20.90 -27.03 -1.97
C THR A 58 22.15 -27.55 -1.27
N PHE A 59 23.31 -27.29 -1.87
CA PHE A 59 24.58 -27.75 -1.32
C PHE A 59 25.63 -26.71 -1.70
N LYS A 60 25.90 -25.76 -0.80
CA LYS A 60 26.92 -24.75 -1.05
C LYS A 60 27.88 -24.65 0.12
N CYS A 61 29.17 -24.51 -0.18
CA CYS A 61 30.19 -24.45 0.84
C CYS A 61 30.96 -23.13 0.76
N TYR A 62 31.60 -22.80 1.87
CA TYR A 62 32.43 -21.61 2.00
C TYR A 62 33.75 -21.99 2.64
N GLY A 63 34.86 -21.59 2.01
CA GLY A 63 36.18 -21.92 2.49
C GLY A 63 36.68 -23.28 2.08
N VAL A 64 35.85 -24.10 1.42
CA VAL A 64 36.23 -25.43 0.97
C VAL A 64 35.43 -25.76 -0.29
N SER A 65 35.97 -26.64 -1.11
CA SER A 65 35.25 -27.14 -2.27
C SER A 65 34.48 -28.42 -1.93
N PRO A 66 33.22 -28.52 -2.35
CA PRO A 66 32.46 -29.75 -2.05
C PRO A 66 33.12 -31.01 -2.58
N THR A 67 33.75 -30.95 -3.75
CA THR A 67 34.53 -32.08 -4.23
C THR A 67 35.86 -32.17 -3.49
N LYS A 68 36.46 -33.35 -3.56
CA LYS A 68 37.59 -33.75 -2.72
C LYS A 68 37.40 -33.27 -1.28
N LEU A 69 36.16 -33.37 -0.78
CA LEU A 69 35.90 -33.09 0.62
C LEU A 69 36.22 -34.28 1.51
N ASN A 70 36.07 -35.50 0.99
CA ASN A 70 36.53 -36.71 1.68
C ASN A 70 38.04 -36.82 1.71
N ASP A 71 38.71 -35.78 1.20
CA ASP A 71 40.16 -35.71 1.16
C ASP A 71 40.75 -34.92 2.32
N LEU A 72 39.97 -34.05 2.96
CA LEU A 72 40.47 -33.25 4.07
C LEU A 72 40.13 -33.90 5.41
N CYS A 73 40.76 -33.36 6.45
CA CYS A 73 40.50 -33.75 7.83
C CYS A 73 40.27 -32.51 8.68
N PHE A 74 39.47 -32.66 9.72
CA PHE A 74 39.20 -31.56 10.64
C PHE A 74 39.28 -32.08 12.07
N THR A 75 39.58 -31.17 13.00
CA THR A 75 39.60 -31.55 14.41
C THR A 75 38.21 -31.93 14.89
N ASN A 76 37.20 -31.16 14.50
CA ASN A 76 35.82 -31.48 14.84
C ASN A 76 34.90 -30.97 13.74
N VAL A 77 33.70 -31.54 13.68
CA VAL A 77 32.68 -31.09 12.74
C VAL A 77 31.36 -30.98 13.47
N TYR A 78 30.72 -29.82 13.36
CA TYR A 78 29.42 -29.59 14.00
C TYR A 78 28.32 -29.69 12.96
N ALA A 79 27.26 -30.43 13.28
CA ALA A 79 26.10 -30.56 12.39
C ALA A 79 24.91 -29.91 13.07
N ASP A 80 24.57 -28.70 12.63
CA ASP A 80 23.40 -28.00 13.13
C ASP A 80 22.23 -28.26 12.18
N SER A 81 21.07 -28.57 12.74
CA SER A 81 19.91 -28.90 11.92
C SER A 81 18.69 -28.17 12.42
N PHE A 82 17.81 -27.82 11.49
CA PHE A 82 16.55 -27.15 11.82
C PHE A 82 15.64 -27.19 10.60
N VAL A 83 14.45 -26.60 10.76
CA VAL A 83 13.48 -26.44 9.70
C VAL A 83 13.14 -24.95 9.59
N ILE A 84 13.18 -24.44 8.36
CA ILE A 84 12.75 -23.06 8.12
C ILE A 84 11.74 -23.04 6.99
N ARG A 85 11.31 -21.85 6.59
CA ARG A 85 10.44 -21.69 5.44
C ARG A 85 11.29 -21.56 4.19
N GLY A 86 10.72 -21.98 3.06
CA GLY A 86 11.51 -22.16 1.85
C GLY A 86 12.24 -20.90 1.41
N ASP A 87 11.60 -19.74 1.56
CA ASP A 87 12.25 -18.49 1.21
C ASP A 87 13.45 -18.21 2.10
N GLU A 88 13.40 -18.62 3.36
CA GLU A 88 14.40 -18.26 4.35
C GLU A 88 15.72 -19.02 4.20
N VAL A 89 15.81 -19.98 3.28
CA VAL A 89 17.06 -20.70 3.07
C VAL A 89 18.17 -19.77 2.60
N ARG A 90 17.82 -18.65 1.97
CA ARG A 90 18.82 -17.66 1.58
C ARG A 90 19.51 -17.04 2.79
N GLN A 91 18.77 -16.85 3.89
CA GLN A 91 19.34 -16.24 5.08
C GLN A 91 20.39 -17.12 5.74
N ILE A 92 20.39 -18.42 5.47
CA ILE A 92 21.38 -19.29 6.05
C ILE A 92 22.61 -19.24 5.16
N ALA A 93 23.44 -18.21 5.39
CA ALA A 93 24.59 -17.89 4.58
C ALA A 93 25.39 -16.79 5.28
N PRO A 94 26.70 -16.73 5.08
CA PRO A 94 27.48 -15.66 5.70
C PRO A 94 27.03 -14.29 5.21
N GLY A 95 27.04 -13.31 6.11
CA GLY A 95 26.74 -11.94 5.77
C GLY A 95 25.33 -11.70 5.27
N GLN A 96 24.34 -12.24 5.97
CA GLN A 96 22.94 -12.04 5.62
C GLN A 96 22.16 -11.47 6.80
N THR A 97 21.15 -10.68 6.49
CA THR A 97 20.25 -10.11 7.47
C THR A 97 18.83 -10.59 7.18
N GLY A 98 18.02 -10.68 8.21
CA GLY A 98 16.63 -11.03 8.02
C GLY A 98 16.05 -11.72 9.24
N ASN A 99 14.82 -12.21 9.05
CA ASN A 99 14.07 -12.93 10.07
C ASN A 99 14.90 -13.97 10.81
N ILE A 100 15.48 -14.91 10.07
CA ILE A 100 16.16 -16.04 10.70
C ILE A 100 17.59 -15.67 11.07
N ALA A 101 18.27 -14.93 10.20
CA ALA A 101 19.68 -14.60 10.44
C ALA A 101 19.84 -13.73 11.68
N ASP A 102 18.93 -12.77 11.87
CA ASP A 102 19.09 -11.82 12.98
C ASP A 102 18.78 -12.48 14.32
N TYR A 103 17.73 -13.30 14.38
CA TYR A 103 17.16 -13.71 15.66
C TYR A 103 17.09 -15.21 15.90
N ASN A 104 17.38 -16.04 14.90
CA ASN A 104 17.30 -17.49 15.09
C ASN A 104 18.61 -18.21 14.85
N TYR A 105 19.28 -17.96 13.73
CA TYR A 105 20.51 -18.67 13.40
C TYR A 105 21.42 -17.74 12.61
N LYS A 106 22.60 -17.43 13.17
CA LYS A 106 23.52 -16.47 12.59
C LYS A 106 24.81 -17.19 12.18
N LEU A 107 25.15 -17.11 10.91
CA LEU A 107 26.43 -17.66 10.49
C LEU A 107 27.52 -16.60 10.57
N PRO A 108 28.73 -16.96 11.00
CA PRO A 108 29.81 -15.98 11.03
C PRO A 108 30.17 -15.51 9.63
N ASP A 109 30.63 -14.25 9.54
CA ASP A 109 31.03 -13.71 8.25
C ASP A 109 32.16 -14.51 7.63
N ASP A 110 33.03 -15.08 8.46
CA ASP A 110 34.12 -15.95 8.00
C ASP A 110 33.78 -17.42 8.15
N PHE A 111 32.50 -17.77 7.93
CA PHE A 111 32.07 -19.16 8.05
C PHE A 111 32.80 -20.04 7.04
N THR A 112 33.32 -21.16 7.52
CA THR A 112 34.01 -22.15 6.69
C THR A 112 33.32 -23.49 6.93
N GLY A 113 32.47 -23.88 5.99
CA GLY A 113 31.70 -25.11 6.12
C GLY A 113 30.79 -25.31 4.93
N CYS A 114 29.66 -25.98 5.14
CA CYS A 114 28.71 -26.21 4.07
C CYS A 114 27.29 -26.06 4.61
N VAL A 115 26.39 -25.64 3.72
CA VAL A 115 24.97 -25.51 4.01
C VAL A 115 24.23 -26.41 3.03
N ILE A 116 23.39 -27.30 3.56
CA ILE A 116 22.66 -28.28 2.78
C ILE A 116 21.19 -28.19 3.18
N ALA A 117 20.32 -27.88 2.22
CA ALA A 117 18.91 -27.71 2.51
C ALA A 117 18.08 -28.43 1.45
N TRP A 118 16.88 -28.85 1.85
CA TRP A 118 16.00 -29.52 0.89
C TRP A 118 14.54 -29.32 1.28
N ASN A 119 13.68 -29.34 0.26
CA ASN A 119 12.24 -29.26 0.47
C ASN A 119 11.73 -30.50 1.19
N SER A 120 10.92 -30.29 2.23
CA SER A 120 10.31 -31.39 2.97
C SER A 120 8.81 -31.15 3.10
N ASN A 121 8.17 -30.75 2.00
CA ASN A 121 6.72 -30.58 1.99
C ASN A 121 6.00 -31.90 2.28
N LYS A 122 6.61 -33.01 1.86
CA LYS A 122 6.02 -34.33 2.06
C LYS A 122 6.07 -34.82 3.51
N LEU A 123 6.99 -34.27 4.30
CA LEU A 123 7.15 -34.68 5.69
C LEU A 123 6.49 -33.71 6.67
N ASP A 124 6.74 -32.41 6.52
CA ASP A 124 6.40 -31.43 7.55
C ASP A 124 5.14 -30.63 7.24
N SER A 125 4.42 -30.94 6.17
CA SER A 125 3.19 -30.24 5.83
C SER A 125 1.99 -31.16 6.03
N LYS A 126 0.97 -30.65 6.71
CA LYS A 126 -0.30 -31.32 6.84
C LYS A 126 -1.39 -30.42 6.26
N VAL A 127 -2.38 -31.04 5.62
CA VAL A 127 -3.45 -30.26 4.98
C VAL A 127 -4.17 -29.41 6.01
N SER A 128 -4.38 -29.96 7.22
CA SER A 128 -4.94 -29.20 8.32
C SER A 128 -3.98 -28.16 8.87
N GLY A 129 -2.77 -28.05 8.34
CA GLY A 129 -1.80 -27.08 8.80
C GLY A 129 -0.95 -27.55 9.96
N ASN A 130 0.37 -27.43 9.82
CA ASN A 130 1.30 -27.81 10.87
C ASN A 130 1.83 -26.54 11.53
N TYR A 131 1.54 -26.38 12.81
CA TYR A 131 2.01 -25.25 13.60
C TYR A 131 3.06 -25.66 14.63
N ASN A 132 3.62 -26.87 14.51
CA ASN A 132 4.57 -27.37 15.50
C ASN A 132 5.91 -26.63 15.41
N TYR A 133 6.38 -26.39 14.19
CA TYR A 133 7.64 -25.66 14.02
C TYR A 133 7.45 -24.19 14.37
N LEU A 134 8.47 -23.61 15.02
CA LEU A 134 8.40 -22.24 15.50
C LEU A 134 9.64 -21.47 15.10
N TYR A 135 9.51 -20.14 15.14
CA TYR A 135 10.66 -19.25 14.95
C TYR A 135 10.46 -18.01 15.80
N ARG A 136 11.57 -17.33 16.08
CA ARG A 136 11.55 -16.17 16.96
C ARG A 136 11.29 -14.91 16.14
N LEU A 137 10.22 -14.19 16.49
CA LEU A 137 9.88 -12.93 15.82
C LEU A 137 10.47 -11.72 16.53
N PHE A 138 10.40 -11.70 17.86
CA PHE A 138 10.72 -10.51 18.64
C PHE A 138 12.02 -10.73 19.41
N ARG A 139 12.99 -9.85 19.19
CA ARG A 139 14.22 -9.81 19.95
C ARG A 139 14.83 -8.43 19.82
N LYS A 140 15.39 -7.93 20.92
CA LYS A 140 15.87 -6.56 20.96
C LYS A 140 17.21 -6.36 20.25
N SER A 141 17.98 -7.43 20.06
CA SER A 141 19.29 -7.28 19.43
C SER A 141 19.60 -8.53 18.63
N ASN A 142 20.53 -8.37 17.68
CA ASN A 142 20.90 -9.48 16.80
C ASN A 142 21.62 -10.58 17.56
N LEU A 143 21.48 -11.80 17.04
CA LEU A 143 22.23 -12.93 17.56
C LEU A 143 23.69 -12.82 17.16
N LYS A 144 24.59 -13.17 18.09
CA LYS A 144 25.96 -13.45 17.71
C LYS A 144 25.99 -14.77 16.94
N PRO A 145 27.02 -14.99 16.12
CA PRO A 145 27.08 -16.25 15.37
C PRO A 145 27.03 -17.46 16.28
N PHE A 146 26.22 -18.45 15.88
CA PHE A 146 26.04 -19.69 16.61
C PHE A 146 25.48 -19.47 18.01
N GLU A 147 24.71 -18.41 18.20
CA GLU A 147 23.96 -18.22 19.42
C GLU A 147 22.62 -18.96 19.34
N ARG A 148 22.17 -19.46 20.47
CA ARG A 148 20.88 -20.17 20.56
C ARG A 148 20.05 -19.53 21.66
N ASP A 149 18.98 -18.85 21.27
CA ASP A 149 18.07 -18.20 22.20
C ASP A 149 16.80 -19.03 22.30
N ILE A 150 16.60 -19.64 23.47
CA ILE A 150 15.42 -20.47 23.73
C ILE A 150 14.48 -19.82 24.74
N SER A 151 14.71 -18.56 25.08
CA SER A 151 13.85 -17.87 26.03
C SER A 151 12.44 -17.70 25.47
N THR A 152 11.44 -17.84 26.34
CA THR A 152 10.05 -17.62 25.98
C THR A 152 9.43 -16.50 26.81
N GLU A 153 10.25 -15.64 27.40
CA GLU A 153 9.74 -14.52 28.17
C GLU A 153 8.98 -13.56 27.25
N ILE A 154 7.90 -12.98 27.77
CA ILE A 154 7.07 -12.11 26.95
C ILE A 154 7.89 -10.89 26.54
N TYR A 155 7.87 -10.59 25.25
CA TYR A 155 8.62 -9.45 24.73
C TYR A 155 8.01 -8.15 25.22
N GLN A 156 8.84 -7.31 25.84
CA GLN A 156 8.39 -6.01 26.36
C GLN A 156 8.69 -4.95 25.29
N ALA A 157 7.67 -4.58 24.52
CA ALA A 157 7.81 -3.57 23.48
C ALA A 157 7.44 -2.18 23.96
N GLY A 158 6.94 -2.03 25.18
CA GLY A 158 6.54 -0.75 25.73
C GLY A 158 7.37 -0.36 26.94
N ASN A 159 6.99 0.80 27.49
CA ASN A 159 7.67 1.32 28.68
C ASN A 159 7.28 0.57 29.94
N LYS A 160 6.18 -0.18 29.93
CA LYS A 160 5.67 -0.74 31.17
C LYS A 160 5.75 -2.26 31.15
N PRO A 161 6.17 -2.87 32.24
CA PRO A 161 6.49 -4.30 32.22
C PRO A 161 5.28 -5.18 31.99
N CYS A 162 5.54 -6.36 31.43
CA CYS A 162 4.49 -7.30 31.02
C CYS A 162 4.09 -8.26 32.13
N ASN A 163 5.05 -8.69 32.94
CA ASN A 163 4.82 -9.68 34.01
C ASN A 163 4.23 -10.97 33.44
N GLY A 164 4.81 -11.43 32.34
CA GLY A 164 4.43 -12.71 31.76
C GLY A 164 3.05 -12.76 31.14
N VAL A 165 2.46 -11.60 30.84
CA VAL A 165 1.13 -11.53 30.25
C VAL A 165 1.24 -10.92 28.86
N ALA A 166 0.72 -11.63 27.87
CA ALA A 166 0.63 -11.06 26.53
C ALA A 166 -0.43 -9.96 26.50
N GLY A 167 -0.30 -9.06 25.53
CA GLY A 167 -1.22 -7.96 25.41
C GLY A 167 -0.59 -6.82 24.62
N PHE A 168 -1.15 -5.63 24.80
CA PHE A 168 -0.58 -4.44 24.17
C PHE A 168 0.83 -4.22 24.69
N ASN A 169 1.77 -3.98 23.76
CA ASN A 169 3.19 -3.79 24.06
C ASN A 169 3.81 -5.00 24.72
N CYS A 170 3.17 -6.17 24.61
CA CYS A 170 3.60 -7.37 25.33
C CYS A 170 3.26 -8.58 24.46
N TYR A 171 4.25 -9.12 23.77
CA TYR A 171 4.05 -10.15 22.76
C TYR A 171 4.86 -11.39 23.10
N PHE A 172 4.28 -12.55 22.83
CA PHE A 172 5.04 -13.79 22.89
C PHE A 172 6.12 -13.76 21.82
N PRO A 173 7.39 -14.07 22.15
CA PRO A 173 8.48 -13.83 21.19
C PRO A 173 8.50 -14.79 20.01
N LEU A 174 7.71 -15.86 20.01
CA LEU A 174 7.77 -16.86 18.97
C LEU A 174 6.46 -16.93 18.19
N ARG A 175 6.57 -17.34 16.92
CA ARG A 175 5.43 -17.55 16.05
C ARG A 175 5.60 -18.85 15.29
N SER A 176 4.48 -19.47 14.93
CA SER A 176 4.49 -20.75 14.24
C SER A 176 4.53 -20.55 12.73
N TYR A 177 4.87 -21.63 12.03
CA TYR A 177 5.19 -21.54 10.62
C TYR A 177 4.00 -21.80 9.70
N SER A 178 3.01 -22.56 10.15
CA SER A 178 1.78 -22.80 9.38
C SER A 178 2.08 -23.44 8.02
N PHE A 179 2.56 -24.69 8.07
CA PHE A 179 2.93 -25.44 6.88
C PHE A 179 1.73 -26.24 6.38
N ARG A 180 1.17 -25.82 5.23
CA ARG A 180 0.19 -26.60 4.49
C ARG A 180 0.75 -27.01 3.14
N PRO A 181 0.42 -28.20 2.65
CA PRO A 181 1.07 -28.70 1.42
C PRO A 181 0.80 -27.84 0.19
N THR A 182 -0.36 -27.20 0.12
CA THR A 182 -0.74 -26.45 -1.08
C THR A 182 -0.13 -25.06 -1.14
N TYR A 183 0.57 -24.62 -0.10
CA TYR A 183 1.22 -23.31 -0.13
C TYR A 183 2.29 -23.28 -1.22
N GLY A 184 2.71 -22.07 -1.58
CA GLY A 184 3.80 -21.91 -2.52
C GLY A 184 5.10 -22.47 -1.97
N VAL A 185 6.01 -22.78 -2.89
CA VAL A 185 7.31 -23.35 -2.51
C VAL A 185 8.05 -22.41 -1.58
N GLY A 186 7.85 -21.10 -1.74
CA GLY A 186 8.50 -20.15 -0.84
C GLY A 186 8.13 -20.38 0.61
N HIS A 187 6.90 -20.77 0.82
CA HIS A 187 6.40 -21.01 2.14
C HIS A 187 6.27 -22.45 2.53
N GLN A 188 6.88 -23.33 1.78
CA GLN A 188 6.86 -24.73 2.16
C GLN A 188 8.05 -25.05 3.07
N PRO A 189 7.90 -26.00 4.00
CA PRO A 189 8.98 -26.27 4.94
C PRO A 189 10.23 -26.81 4.26
N TYR A 190 11.39 -26.38 4.75
CA TYR A 190 12.68 -26.85 4.27
C TYR A 190 13.52 -27.31 5.45
N ARG A 191 14.17 -28.46 5.27
CA ARG A 191 15.04 -29.03 6.29
C ARG A 191 16.48 -28.66 5.95
N VAL A 192 17.20 -28.14 6.95
CA VAL A 192 18.52 -27.55 6.74
C VAL A 192 19.52 -28.19 7.72
N VAL A 193 20.68 -28.58 7.19
CA VAL A 193 21.83 -28.96 8.00
C VAL A 193 23.01 -28.09 7.59
N VAL A 194 23.62 -27.45 8.58
CA VAL A 194 24.83 -26.65 8.42
C VAL A 194 25.97 -27.44 9.05
N LEU A 195 26.98 -27.78 8.25
CA LEU A 195 28.17 -28.46 8.75
C LEU A 195 29.29 -27.44 8.89
N SER A 196 29.81 -27.33 10.10
CA SER A 196 30.87 -26.40 10.44
C SER A 196 32.15 -27.18 10.68
N PHE A 197 33.24 -26.76 10.06
CA PHE A 197 34.51 -27.47 10.08
C PHE A 197 35.46 -26.74 11.02
N GLU A 198 35.70 -27.32 12.19
CA GLU A 198 36.59 -26.75 13.19
C GLU A 198 37.94 -27.46 13.13
N LEU A 199 39.00 -26.67 13.07
CA LEU A 199 40.38 -27.17 13.00
C LEU A 199 41.25 -26.32 13.91
N LEU A 200 41.79 -26.95 14.95
CA LEU A 200 42.64 -26.31 15.94
C LEU A 200 43.98 -27.04 16.00
N HIS A 201 44.81 -26.66 16.97
CA HIS A 201 46.10 -27.29 17.19
C HIS A 201 45.92 -28.52 18.07
N ALA A 202 45.27 -29.52 17.49
CA ALA A 202 44.88 -30.73 18.19
C ALA A 202 44.71 -31.84 17.16
N PRO A 203 44.64 -33.11 17.58
CA PRO A 203 44.46 -34.19 16.62
C PRO A 203 43.21 -34.02 15.77
N ALA A 204 43.33 -34.35 14.49
CA ALA A 204 42.19 -34.33 13.57
C ALA A 204 41.42 -35.63 13.75
N THR A 205 40.27 -35.55 14.39
CA THR A 205 39.46 -36.72 14.67
C THR A 205 38.44 -37.03 13.59
N VAL A 206 38.10 -36.06 12.75
CA VAL A 206 37.15 -36.25 11.66
C VAL A 206 37.93 -36.24 10.35
N CYS A 207 37.89 -37.36 9.64
CA CYS A 207 38.63 -37.51 8.40
C CYS A 207 37.73 -38.17 7.36
N GLY A 208 38.05 -37.93 6.11
CA GLY A 208 37.51 -38.74 5.04
C GLY A 208 38.45 -39.90 4.78
N PRO A 209 38.16 -40.71 3.76
CA PRO A 209 39.16 -41.69 3.32
C PRO A 209 40.43 -40.99 2.89
N LYS A 210 41.55 -41.44 3.43
CA LYS A 210 42.85 -40.76 3.33
C LYS A 210 42.79 -39.40 4.03
N ASP B 2 0.92 8.37 28.67
CA ASP B 2 1.44 7.47 27.65
C ASP B 2 0.39 7.14 26.59
N GLU B 3 -0.49 8.10 26.30
CA GLU B 3 -1.50 7.92 25.27
C GLU B 3 -0.82 7.62 23.95
N VAL B 4 -1.00 6.39 23.44
CA VAL B 4 -0.19 5.91 22.33
C VAL B 4 -0.56 6.64 21.05
N GLN B 5 0.44 7.18 20.37
CA GLN B 5 0.24 7.82 19.07
C GLN B 5 1.60 8.06 18.42
N LEU B 6 1.55 8.26 17.10
CA LEU B 6 2.68 8.70 16.30
C LEU B 6 2.33 10.05 15.68
N VAL B 7 3.24 11.01 15.79
CA VAL B 7 3.06 12.35 15.25
C VAL B 7 4.16 12.61 14.23
N GLU B 8 3.76 12.95 13.01
CA GLU B 8 4.70 13.06 11.90
C GLU B 8 4.87 14.51 11.46
N SER B 9 6.03 14.77 10.87
CA SER B 9 6.40 16.11 10.44
C SER B 9 7.52 16.01 9.41
N GLY B 10 7.81 17.15 8.76
CA GLY B 10 8.90 17.26 7.84
C GLY B 10 8.53 17.25 6.37
N GLY B 11 7.32 16.82 6.04
CA GLY B 11 6.90 16.80 4.64
C GLY B 11 6.67 18.19 4.10
N GLY B 12 6.65 18.28 2.77
CA GLY B 12 6.44 19.57 2.13
C GLY B 12 6.64 19.51 0.63
N LEU B 13 7.10 20.63 0.08
CA LEU B 13 7.21 20.84 -1.36
C LEU B 13 8.69 20.97 -1.74
N VAL B 14 9.11 20.19 -2.73
CA VAL B 14 10.48 20.24 -3.24
C VAL B 14 10.45 19.96 -4.73
N GLN B 15 11.41 20.53 -5.45
CA GLN B 15 11.60 20.18 -6.85
C GLN B 15 12.30 18.83 -6.96
N PRO B 16 12.21 18.17 -8.12
CA PRO B 16 12.87 16.87 -8.28
C PRO B 16 14.36 16.96 -8.02
N GLY B 17 14.91 15.89 -7.43
CA GLY B 17 16.30 15.86 -7.05
C GLY B 17 16.58 16.38 -5.65
N GLY B 18 15.59 16.93 -4.97
CA GLY B 18 15.78 17.47 -3.64
C GLY B 18 15.79 16.40 -2.56
N SER B 19 16.03 16.85 -1.33
CA SER B 19 16.05 15.99 -0.16
CA SER B 19 16.05 15.99 -0.16
C SER B 19 15.03 16.47 0.86
N LEU B 20 14.57 15.55 1.69
CA LEU B 20 13.56 15.87 2.70
C LEU B 20 13.60 14.79 3.79
N ARG B 21 13.64 15.21 5.04
CA ARG B 21 13.76 14.27 6.16
C ARG B 21 12.47 14.32 6.97
N LEU B 22 11.63 13.30 6.80
CA LEU B 22 10.43 13.16 7.62
C LEU B 22 10.78 12.54 8.96
N SER B 23 10.05 12.96 9.99
CA SER B 23 10.23 12.45 11.34
C SER B 23 8.87 12.02 11.88
N CYS B 24 8.91 11.06 12.80
CA CYS B 24 7.71 10.46 13.38
C CYS B 24 8.01 10.18 14.85
N ALA B 25 7.53 11.06 15.72
CA ALA B 25 7.75 10.93 17.16
C ALA B 25 6.63 10.10 17.77
N ALA B 26 7.00 9.13 18.60
CA ALA B 26 6.06 8.18 19.15
C ALA B 26 5.93 8.34 20.66
N SER B 27 4.72 8.15 21.17
CA SER B 27 4.50 8.00 22.59
C SER B 27 3.59 6.80 22.83
N GLY B 28 3.81 6.10 23.93
CA GLY B 28 3.04 4.91 24.23
C GLY B 28 3.84 3.63 24.09
N PHE B 29 4.78 3.59 23.15
CA PHE B 29 5.71 2.49 23.00
C PHE B 29 7.09 3.05 22.71
N ILE B 30 8.05 2.17 22.47
CA ILE B 30 9.44 2.55 22.25
C ILE B 30 9.85 2.09 20.86
N VAL B 31 10.29 3.05 20.03
CA VAL B 31 10.50 2.78 18.61
C VAL B 31 11.68 1.83 18.39
N GLY B 32 12.73 1.97 19.20
CA GLY B 32 13.89 1.09 19.06
C GLY B 32 13.61 -0.36 19.38
N TRP B 33 12.46 -0.65 19.98
CA TRP B 33 12.11 -2.01 20.38
C TRP B 33 11.08 -2.65 19.46
N ASN B 34 10.63 -1.95 18.42
CA ASN B 34 9.50 -2.40 17.62
C ASN B 34 9.88 -2.44 16.14
N TYR B 35 9.05 -3.14 15.38
CA TYR B 35 9.11 -3.10 13.92
C TYR B 35 8.41 -1.84 13.45
N MET B 36 9.16 -0.93 12.82
CA MET B 36 8.63 0.36 12.41
C MET B 36 8.65 0.47 10.90
N SER B 37 7.51 0.87 10.31
CA SER B 37 7.36 0.90 8.86
C SER B 37 6.93 2.27 8.38
N TRP B 38 7.42 2.64 7.20
CA TRP B 38 7.00 3.81 6.45
C TRP B 38 6.15 3.32 5.28
N VAL B 39 4.92 3.84 5.18
CA VAL B 39 3.98 3.51 4.12
C VAL B 39 3.47 4.81 3.51
N ARG B 40 3.46 4.89 2.19
CA ARG B 40 2.97 6.08 1.50
C ARG B 40 1.73 5.76 0.68
N GLN B 41 0.93 6.79 0.43
CA GLN B 41 -0.26 6.65 -0.40
C GLN B 41 -0.37 7.87 -1.30
N ALA B 42 -0.31 7.63 -2.61
CA ALA B 42 -0.40 8.70 -3.59
C ALA B 42 -1.86 9.16 -3.72
N PRO B 43 -2.10 10.40 -4.13
CA PRO B 43 -3.47 10.92 -4.18
C PRO B 43 -4.36 10.06 -5.08
N GLY B 44 -5.53 9.70 -4.57
CA GLY B 44 -6.46 8.86 -5.29
C GLY B 44 -6.00 7.44 -5.51
N LYS B 45 -4.92 7.04 -4.87
CA LYS B 45 -4.37 5.72 -5.02
C LYS B 45 -4.36 4.92 -3.76
N GLY B 46 -3.71 3.78 -3.75
CA GLY B 46 -3.71 2.92 -2.59
C GLY B 46 -2.48 3.09 -1.72
N LEU B 47 -2.34 2.17 -0.77
CA LEU B 47 -1.24 2.19 0.18
C LEU B 47 -0.05 1.40 -0.37
N GLU B 48 1.14 1.97 -0.21
CA GLU B 48 2.37 1.36 -0.69
C GLU B 48 3.40 1.35 0.42
N TRP B 49 3.93 0.17 0.73
CA TRP B 49 4.97 0.05 1.75
C TRP B 49 6.27 0.65 1.24
N VAL B 50 6.91 1.47 2.08
CA VAL B 50 8.14 2.14 1.67
C VAL B 50 9.32 1.45 2.33
N SER B 51 9.34 1.39 3.65
CA SER B 51 10.53 0.89 4.33
C SER B 51 10.17 0.34 5.70
N VAL B 52 11.11 -0.39 6.29
CA VAL B 52 10.93 -0.97 7.62
C VAL B 52 12.29 -1.08 8.30
N ILE B 53 12.27 -0.88 9.62
CA ILE B 53 13.41 -1.15 10.49
C ILE B 53 12.97 -2.12 11.57
N TYR B 54 13.77 -3.18 11.75
CA TYR B 54 13.63 -4.23 12.76
C TYR B 54 14.16 -3.74 14.10
N PRO B 55 13.67 -4.30 15.21
CA PRO B 55 14.25 -3.94 16.51
C PRO B 55 15.73 -4.25 16.62
N GLY B 56 16.19 -5.33 16.00
CA GLY B 56 17.60 -5.69 16.05
C GLY B 56 18.49 -4.83 15.19
N GLY B 57 17.92 -4.02 14.29
CA GLY B 57 18.72 -3.07 13.53
C GLY B 57 18.55 -3.11 12.02
N SER B 58 18.24 -4.28 11.48
CA SER B 58 18.21 -4.44 10.03
C SER B 58 17.12 -3.60 9.38
N THR B 59 17.43 -3.08 8.20
CA THR B 59 16.56 -2.17 7.46
C THR B 59 16.26 -2.74 6.08
N TYR B 60 15.02 -2.57 5.64
CA TYR B 60 14.61 -3.00 4.30
C TYR B 60 13.77 -1.92 3.64
N TYR B 61 13.90 -1.85 2.31
CA TYR B 61 13.29 -0.78 1.53
C TYR B 61 12.56 -1.38 0.34
N ALA B 62 11.53 -0.67 -0.11
CA ALA B 62 10.89 -1.04 -1.37
C ALA B 62 11.85 -0.84 -2.53
N ASP B 63 11.63 -1.60 -3.60
CA ASP B 63 12.47 -1.47 -4.79
C ASP B 63 12.45 -0.05 -5.33
N SER B 64 11.31 0.63 -5.21
CA SER B 64 11.17 1.96 -5.79
C SER B 64 12.06 2.99 -5.11
N VAL B 65 12.32 2.83 -3.81
CA VAL B 65 13.10 3.81 -3.06
C VAL B 65 14.55 3.36 -2.86
N LYS B 66 14.94 2.21 -3.40
CA LYS B 66 16.24 1.62 -3.13
C LYS B 66 17.37 2.58 -3.47
N GLY B 67 18.30 2.76 -2.54
CA GLY B 67 19.44 3.63 -2.74
C GLY B 67 19.16 5.10 -2.58
N ARG B 68 17.89 5.50 -2.46
CA ARG B 68 17.51 6.89 -2.32
C ARG B 68 16.96 7.25 -0.95
N PHE B 69 16.28 6.32 -0.30
CA PHE B 69 15.68 6.54 1.01
C PHE B 69 16.47 5.79 2.07
N THR B 70 16.52 6.38 3.27
CA THR B 70 17.17 5.75 4.42
C THR B 70 16.25 5.87 5.62
N ILE B 71 15.85 4.74 6.18
CA ILE B 71 15.10 4.71 7.43
C ILE B 71 16.09 4.68 8.58
N SER B 72 15.71 5.30 9.70
CA SER B 72 16.57 5.34 10.88
C SER B 72 15.72 5.70 12.08
N ARG B 73 16.36 5.75 13.25
CA ARG B 73 15.65 6.16 14.45
C ARG B 73 16.64 6.71 15.47
N HIS B 74 16.20 7.74 16.19
CA HIS B 74 16.93 8.28 17.33
C HIS B 74 16.25 7.75 18.58
N ASN B 75 16.99 6.94 19.35
CA ASN B 75 16.41 6.29 20.52
C ASN B 75 16.15 7.28 21.64
N SER B 76 17.04 8.25 21.83
CA SER B 76 16.90 9.20 22.93
C SER B 76 15.64 10.03 22.78
N LYS B 77 15.35 10.51 21.57
CA LYS B 77 14.13 11.24 21.29
C LYS B 77 12.96 10.32 20.96
N ASN B 78 13.19 9.01 20.90
CA ASN B 78 12.14 8.03 20.60
C ASN B 78 11.44 8.36 19.29
N THR B 79 12.24 8.68 18.27
CA THR B 79 11.71 9.17 17.01
C THR B 79 12.20 8.32 15.85
N LEU B 80 11.30 8.02 14.92
CA LEU B 80 11.66 7.39 13.65
C LEU B 80 11.89 8.47 12.59
N TYR B 81 12.72 8.14 11.60
CA TYR B 81 13.06 9.09 10.55
C TYR B 81 13.12 8.39 9.20
N LEU B 82 12.70 9.10 8.17
CA LEU B 82 12.88 8.69 6.79
C LEU B 82 13.54 9.82 6.03
N GLN B 83 14.77 9.61 5.58
CA GLN B 83 15.50 10.57 4.76
C GLN B 83 15.29 10.22 3.29
N MET B 84 14.92 11.22 2.50
CA MET B 84 14.60 11.05 1.09
C MET B 84 15.56 11.91 0.27
N ASN B 85 16.34 11.25 -0.59
CA ASN B 85 17.27 11.93 -1.47
C ASN B 85 16.96 11.56 -2.91
N SER B 86 17.42 12.42 -3.83
CA SER B 86 17.14 12.26 -5.27
C SER B 86 15.64 12.11 -5.50
N LEU B 87 14.87 13.03 -4.93
CA LEU B 87 13.43 12.91 -4.91
C LEU B 87 12.84 13.04 -6.32
N ARG B 88 11.74 12.34 -6.54
CA ARG B 88 11.07 12.31 -7.83
C ARG B 88 9.58 12.60 -7.67
N ALA B 89 8.94 12.93 -8.79
CA ALA B 89 7.52 13.28 -8.76
C ALA B 89 6.64 12.13 -8.31
N GLU B 90 7.07 10.88 -8.57
CA GLU B 90 6.25 9.73 -8.19
C GLU B 90 6.26 9.50 -6.69
N ASP B 91 7.21 10.08 -5.95
CA ASP B 91 7.20 9.99 -4.50
C ASP B 91 6.13 10.86 -3.86
N THR B 92 5.45 11.70 -4.64
CA THR B 92 4.40 12.55 -4.10
C THR B 92 3.30 11.69 -3.50
N ALA B 93 3.08 11.86 -2.19
CA ALA B 93 2.15 11.02 -1.46
C ALA B 93 2.02 11.54 -0.03
N VAL B 94 1.03 11.03 0.67
CA VAL B 94 0.95 11.19 2.12
C VAL B 94 1.73 10.04 2.74
N TYR B 95 2.68 10.37 3.61
CA TYR B 95 3.54 9.38 4.25
C TYR B 95 3.11 9.17 5.69
N TYR B 96 2.87 7.91 6.05
CA TYR B 96 2.53 7.49 7.39
C TYR B 96 3.65 6.63 7.96
N CYS B 97 3.82 6.71 9.28
CA CYS B 97 4.63 5.77 10.03
C CYS B 97 3.70 4.85 10.83
N ALA B 98 4.12 3.60 11.00
CA ALA B 98 3.27 2.65 11.69
C ALA B 98 4.13 1.66 12.47
N ARG B 99 3.56 1.17 13.57
CA ARG B 99 4.16 0.11 14.37
C ARG B 99 3.48 -1.21 14.04
N GLU B 100 4.27 -2.26 13.81
CA GLU B 100 3.72 -3.55 13.40
C GLU B 100 4.14 -4.65 14.35
N ALA B 101 3.18 -5.17 15.12
CA ALA B 101 3.37 -6.42 15.86
C ALA B 101 2.35 -7.48 15.45
N TYR B 102 1.06 -7.18 15.55
CA TYR B 102 -0.02 -8.05 15.08
C TYR B 102 -0.81 -7.22 14.08
N GLY B 103 -0.32 -7.18 12.84
CA GLY B 103 -0.74 -6.14 11.92
C GLY B 103 -0.22 -4.78 12.38
N MET B 104 -0.24 -3.77 11.53
CA MET B 104 0.11 -2.43 12.00
C MET B 104 -1.08 -1.85 12.76
N ASP B 105 -0.90 -1.70 14.07
CA ASP B 105 -1.97 -1.26 14.95
C ASP B 105 -1.89 0.22 15.31
N VAL B 106 -0.70 0.82 15.31
CA VAL B 106 -0.53 2.24 15.58
C VAL B 106 -0.08 2.92 14.30
N TRP B 107 -0.89 3.88 13.84
CA TRP B 107 -0.64 4.62 12.62
C TRP B 107 -0.52 6.11 12.93
N GLY B 108 0.43 6.76 12.27
CA GLY B 108 0.56 8.20 12.41
C GLY B 108 -0.48 8.96 11.61
N GLN B 109 -0.51 10.27 11.82
CA GLN B 109 -1.48 11.12 11.12
C GLN B 109 -1.20 11.16 9.62
N GLY B 110 0.07 11.23 9.24
CA GLY B 110 0.46 11.41 7.85
C GLY B 110 1.02 12.80 7.64
N THR B 111 2.04 12.91 6.81
CA THR B 111 2.53 14.21 6.36
C THR B 111 2.69 14.17 4.84
N THR B 112 2.42 15.30 4.21
CA THR B 112 2.28 15.34 2.76
C THR B 112 3.60 15.70 2.10
N VAL B 113 4.00 14.91 1.10
CA VAL B 113 5.15 15.18 0.28
C VAL B 113 4.67 15.45 -1.14
N THR B 114 5.00 16.62 -1.67
CA THR B 114 4.77 16.95 -3.06
C THR B 114 6.11 17.28 -3.71
N VAL B 115 6.42 16.57 -4.79
CA VAL B 115 7.67 16.78 -5.52
C VAL B 115 7.30 17.17 -6.94
N SER B 116 7.61 18.41 -7.32
CA SER B 116 7.19 18.94 -8.60
C SER B 116 8.17 20.01 -9.06
N SER B 117 8.43 20.03 -10.37
CA SER B 117 9.22 21.10 -10.97
C SER B 117 8.40 22.34 -11.29
N ALA B 118 7.09 22.27 -11.14
CA ALA B 118 6.22 23.40 -11.47
C ALA B 118 6.36 24.51 -10.44
N SER B 119 6.30 25.75 -10.92
CA SER B 119 6.30 26.91 -10.04
C SER B 119 4.92 27.11 -9.42
N THR B 120 4.89 27.77 -8.26
CA THR B 120 3.63 28.16 -7.67
C THR B 120 2.94 29.17 -8.57
N LYS B 121 1.74 28.83 -9.03
CA LYS B 121 0.97 29.70 -9.91
C LYS B 121 -0.47 29.80 -9.40
N GLY B 122 -0.98 31.02 -9.37
CA GLY B 122 -2.37 31.25 -9.09
C GLY B 122 -3.23 30.76 -10.23
N PRO B 123 -4.46 30.38 -9.93
CA PRO B 123 -5.36 29.92 -10.99
C PRO B 123 -5.81 31.09 -11.85
N SER B 124 -6.25 30.74 -13.06
CA SER B 124 -7.02 31.65 -13.89
C SER B 124 -8.44 31.13 -13.92
N VAL B 125 -9.39 32.02 -13.65
CA VAL B 125 -10.80 31.65 -13.51
C VAL B 125 -11.53 32.07 -14.78
N PHE B 126 -12.08 31.10 -15.49
CA PHE B 126 -12.87 31.33 -16.68
C PHE B 126 -14.33 30.99 -16.40
N PRO B 127 -15.28 31.68 -17.02
CA PRO B 127 -16.69 31.37 -16.80
C PRO B 127 -17.19 30.26 -17.71
N LEU B 128 -18.13 29.49 -17.18
CA LEU B 128 -18.91 28.51 -17.93
C LEU B 128 -20.33 29.06 -17.90
N ALA B 129 -20.68 29.78 -18.96
CA ALA B 129 -21.92 30.54 -19.00
C ALA B 129 -23.12 29.60 -19.12
N PRO B 130 -24.27 30.01 -18.57
CA PRO B 130 -25.49 29.23 -18.78
C PRO B 130 -25.80 29.13 -20.27
N SER B 131 -26.37 27.99 -20.66
CA SER B 131 -26.43 27.59 -22.06
C SER B 131 -27.03 28.68 -22.93
N SER B 132 -26.32 29.01 -24.01
CA SER B 132 -26.84 29.96 -25.00
C SER B 132 -28.11 29.43 -25.64
N LYS B 133 -28.16 28.12 -25.88
CA LYS B 133 -29.26 27.46 -26.56
C LYS B 133 -30.32 27.07 -25.52
N SER B 134 -31.23 26.16 -25.85
CA SER B 134 -32.44 25.93 -25.07
C SER B 134 -32.11 25.32 -23.70
N THR B 135 -33.17 25.09 -22.93
CA THR B 135 -33.10 24.72 -21.53
C THR B 135 -33.51 23.26 -21.31
N SER B 136 -33.24 22.79 -20.10
CA SER B 136 -33.74 21.50 -19.63
C SER B 136 -34.96 21.68 -18.73
N GLY B 137 -36.02 22.26 -19.32
CA GLY B 137 -37.30 22.39 -18.65
C GLY B 137 -37.43 23.55 -17.68
N GLY B 138 -36.35 24.26 -17.39
CA GLY B 138 -36.42 25.35 -16.43
C GLY B 138 -35.26 25.39 -15.46
N THR B 139 -34.35 24.43 -15.58
CA THR B 139 -33.14 24.36 -14.75
C THR B 139 -31.92 24.62 -15.64
N ALA B 140 -31.10 25.58 -15.26
CA ALA B 140 -29.87 25.91 -15.96
C ALA B 140 -28.68 25.54 -15.09
N ALA B 141 -27.53 25.37 -15.74
CA ALA B 141 -26.29 25.06 -15.06
C ALA B 141 -25.23 26.04 -15.52
N LEU B 142 -24.50 26.61 -14.55
CA LEU B 142 -23.40 27.51 -14.85
C LEU B 142 -22.22 27.12 -13.98
N GLY B 143 -21.07 27.75 -14.20
CA GLY B 143 -19.94 27.42 -13.35
C GLY B 143 -18.71 28.24 -13.64
N CYS B 144 -17.62 27.81 -13.01
CA CYS B 144 -16.30 28.40 -13.15
C CYS B 144 -15.28 27.30 -13.38
N LEU B 145 -14.45 27.49 -14.40
CA LEU B 145 -13.28 26.65 -14.63
C LEU B 145 -12.06 27.32 -14.01
N VAL B 146 -11.37 26.60 -13.13
CA VAL B 146 -10.27 27.14 -12.35
C VAL B 146 -8.99 26.46 -12.84
N LYS B 147 -8.32 27.07 -13.82
CA LYS B 147 -7.31 26.38 -14.59
C LYS B 147 -5.90 26.85 -14.23
N ASP B 148 -4.94 25.92 -14.37
CA ASP B 148 -3.51 26.21 -14.31
C ASP B 148 -3.10 26.85 -12.99
N TYR B 149 -3.23 26.06 -11.93
CA TYR B 149 -2.76 26.48 -10.60
C TYR B 149 -1.95 25.35 -9.95
N PHE B 150 -1.07 25.76 -9.04
CA PHE B 150 -0.22 24.85 -8.30
C PHE B 150 0.31 25.58 -7.06
N PRO B 151 0.31 24.96 -5.88
CA PRO B 151 -0.16 23.60 -5.59
C PRO B 151 -1.59 23.59 -5.04
N GLU B 152 -2.07 22.42 -4.65
CA GLU B 152 -3.33 22.35 -3.93
C GLU B 152 -3.15 23.01 -2.56
N PRO B 153 -4.24 23.52 -1.97
CA PRO B 153 -5.64 23.51 -2.43
C PRO B 153 -6.14 24.87 -2.91
N VAL B 154 -7.37 24.90 -3.42
CA VAL B 154 -8.07 26.14 -3.71
C VAL B 154 -9.46 26.04 -3.09
N THR B 155 -10.03 27.21 -2.77
CA THR B 155 -11.37 27.29 -2.20
C THR B 155 -12.28 27.99 -3.21
N VAL B 156 -13.46 27.42 -3.44
CA VAL B 156 -14.47 28.03 -4.30
C VAL B 156 -15.76 28.17 -3.51
N SER B 157 -16.23 29.39 -3.37
CA SER B 157 -17.56 29.68 -2.85
C SER B 157 -18.37 30.39 -3.93
N TRP B 158 -19.68 30.51 -3.70
CA TRP B 158 -20.56 31.13 -4.69
C TRP B 158 -21.35 32.25 -4.04
N ASN B 159 -21.37 33.41 -4.72
CA ASN B 159 -22.05 34.60 -4.23
C ASN B 159 -21.60 34.96 -2.82
N SER B 160 -20.30 34.84 -2.59
CA SER B 160 -19.67 35.12 -1.30
C SER B 160 -20.19 34.22 -0.18
N GLY B 161 -20.85 33.13 -0.53
CA GLY B 161 -21.36 32.18 0.44
C GLY B 161 -22.87 32.11 0.52
N ALA B 162 -23.59 33.05 -0.08
CA ALA B 162 -25.05 33.02 -0.02
C ALA B 162 -25.62 31.82 -0.76
N LEU B 163 -24.90 31.31 -1.76
CA LEU B 163 -25.36 30.21 -2.60
C LEU B 163 -24.59 28.96 -2.21
N THR B 164 -25.28 27.99 -1.62
CA THR B 164 -24.65 26.75 -1.14
C THR B 164 -25.21 25.50 -1.79
N SER B 165 -26.52 25.39 -1.96
CA SER B 165 -27.14 24.18 -2.48
C SER B 165 -27.11 24.19 -4.00
N GLY B 166 -27.03 22.98 -4.57
CA GLY B 166 -26.89 22.82 -6.00
C GLY B 166 -25.47 22.97 -6.52
N VAL B 167 -24.50 23.17 -5.62
CA VAL B 167 -23.13 23.45 -5.99
C VAL B 167 -22.32 22.17 -6.01
N HIS B 168 -21.42 22.05 -6.98
CA HIS B 168 -20.48 20.93 -7.07
C HIS B 168 -19.12 21.47 -7.42
N THR B 169 -18.17 21.36 -6.48
CA THR B 169 -16.77 21.66 -6.73
C THR B 169 -16.04 20.32 -6.90
N PHE B 170 -15.55 20.06 -8.10
CA PHE B 170 -14.99 18.76 -8.43
C PHE B 170 -13.56 18.65 -7.93
N PRO B 171 -13.10 17.43 -7.65
CA PRO B 171 -11.68 17.22 -7.35
C PRO B 171 -10.82 17.66 -8.52
N ALA B 172 -9.68 18.27 -8.19
CA ALA B 172 -8.79 18.77 -9.24
C ALA B 172 -8.13 17.61 -9.97
N VAL B 173 -7.93 17.81 -11.27
CA VAL B 173 -7.11 16.90 -12.07
C VAL B 173 -5.73 17.51 -12.21
N LEU B 174 -4.70 16.67 -12.21
CA LEU B 174 -3.33 17.12 -12.45
C LEU B 174 -3.06 16.98 -13.94
N GLN B 175 -3.03 18.10 -14.65
CA GLN B 175 -2.79 18.07 -16.09
C GLN B 175 -1.36 17.63 -16.38
N SER B 176 -1.11 17.32 -17.66
CA SER B 176 0.22 16.92 -18.09
C SER B 176 1.25 18.03 -17.95
N SER B 177 0.82 19.27 -17.76
CA SER B 177 1.74 20.39 -17.57
C SER B 177 2.23 20.51 -16.13
N GLY B 178 1.76 19.66 -15.23
CA GLY B 178 2.14 19.74 -13.83
C GLY B 178 1.28 20.65 -12.99
N LEU B 179 0.32 21.35 -13.59
CA LEU B 179 -0.57 22.25 -12.88
C LEU B 179 -1.93 21.61 -12.69
N TYR B 180 -2.73 22.20 -11.81
CA TYR B 180 -4.04 21.67 -11.47
C TYR B 180 -5.14 22.47 -12.16
N SER B 181 -6.21 21.76 -12.52
CA SER B 181 -7.39 22.36 -13.10
C SER B 181 -8.61 21.80 -12.39
N LEU B 182 -9.54 22.68 -12.05
CA LEU B 182 -10.69 22.35 -11.23
C LEU B 182 -11.94 22.93 -11.86
N SER B 183 -13.10 22.41 -11.48
CA SER B 183 -14.37 22.91 -12.01
C SER B 183 -15.39 23.00 -10.88
N SER B 184 -16.06 24.15 -10.78
CA SER B 184 -17.11 24.36 -9.80
C SER B 184 -18.38 24.79 -10.52
N VAL B 185 -19.40 23.93 -10.47
CA VAL B 185 -20.65 24.20 -11.17
C VAL B 185 -21.77 24.34 -10.15
N VAL B 186 -22.83 25.02 -10.57
CA VAL B 186 -24.04 25.18 -9.77
C VAL B 186 -25.25 25.20 -10.69
N THR B 187 -26.32 24.56 -10.23
CA THR B 187 -27.58 24.51 -10.96
C THR B 187 -28.56 25.49 -10.32
N VAL B 188 -29.21 26.29 -11.16
CA VAL B 188 -30.09 27.37 -10.71
C VAL B 188 -31.34 27.37 -11.57
N PRO B 189 -32.39 28.03 -11.09
CA PRO B 189 -33.56 28.24 -11.96
C PRO B 189 -33.18 29.06 -13.19
N SER B 190 -33.76 28.68 -14.32
CA SER B 190 -33.51 29.42 -15.56
C SER B 190 -34.03 30.85 -15.44
N SER B 191 -35.16 31.04 -14.77
CA SER B 191 -35.77 32.36 -14.63
C SER B 191 -34.80 33.35 -13.98
N SER B 192 -33.96 32.88 -13.06
CA SER B 192 -33.02 33.76 -12.37
C SER B 192 -31.91 34.28 -13.27
N LEU B 193 -31.77 33.75 -14.49
CA LEU B 193 -30.61 34.06 -15.32
C LEU B 193 -30.56 35.52 -15.76
N GLY B 194 -31.65 36.27 -15.59
CA GLY B 194 -31.63 37.68 -15.95
C GLY B 194 -31.52 38.60 -14.75
N THR B 195 -32.20 38.24 -13.66
CA THR B 195 -32.26 39.08 -12.47
C THR B 195 -31.25 38.72 -11.40
N GLN B 196 -30.84 37.45 -11.30
CA GLN B 196 -29.97 36.99 -10.23
C GLN B 196 -28.52 36.98 -10.69
N THR B 197 -27.64 37.54 -9.87
CA THR B 197 -26.24 37.73 -10.21
C THR B 197 -25.41 36.65 -9.52
N TYR B 198 -24.58 35.96 -10.31
CA TYR B 198 -23.79 34.83 -9.82
C TYR B 198 -22.30 35.15 -9.94
N ILE B 199 -21.59 35.06 -8.82
CA ILE B 199 -20.14 35.22 -8.78
C ILE B 199 -19.54 34.01 -8.07
N CYS B 200 -18.46 33.47 -8.63
CA CYS B 200 -17.67 32.46 -7.96
C CYS B 200 -16.42 33.11 -7.38
N ASN B 201 -16.13 32.84 -6.12
CA ASN B 201 -15.01 33.36 -5.41
C ASN B 201 -14.00 32.28 -5.24
N VAL B 202 -12.81 32.49 -5.76
CA VAL B 202 -11.74 31.49 -5.78
C VAL B 202 -10.58 32.04 -4.97
N ASN B 203 -10.06 31.22 -4.06
CA ASN B 203 -8.91 31.58 -3.23
C ASN B 203 -7.83 30.53 -3.39
N HIS B 204 -6.62 30.97 -3.66
CA HIS B 204 -5.43 30.14 -3.68
C HIS B 204 -4.45 30.76 -2.68
N LYS B 205 -4.36 30.13 -1.50
CA LYS B 205 -3.49 30.63 -0.45
C LYS B 205 -2.02 30.72 -0.87
N PRO B 206 -1.41 29.68 -1.48
CA PRO B 206 0.03 29.79 -1.77
C PRO B 206 0.38 30.93 -2.69
N SER B 207 -0.38 31.12 -3.78
CA SER B 207 -0.16 32.21 -4.71
C SER B 207 -0.75 33.53 -4.22
N ASN B 208 -1.39 33.54 -3.05
CA ASN B 208 -1.99 34.75 -2.49
C ASN B 208 -3.00 35.36 -3.47
N THR B 209 -3.83 34.51 -4.06
CA THR B 209 -4.79 34.96 -5.07
C THR B 209 -6.20 34.87 -4.51
N LYS B 210 -6.94 35.97 -4.63
CA LYS B 210 -8.38 35.99 -4.44
C LYS B 210 -9.00 36.59 -5.70
N VAL B 211 -9.78 35.79 -6.41
CA VAL B 211 -10.40 36.23 -7.66
C VAL B 211 -11.90 35.97 -7.58
N ASP B 212 -12.69 37.02 -7.78
CA ASP B 212 -14.13 36.88 -7.97
C ASP B 212 -14.42 36.98 -9.46
N LYS B 213 -15.01 35.93 -10.02
CA LYS B 213 -15.45 35.96 -11.41
C LYS B 213 -16.96 35.87 -11.48
N ARG B 214 -17.59 36.84 -12.12
CA ARG B 214 -19.02 36.86 -12.33
C ARG B 214 -19.35 36.10 -13.61
N VAL B 215 -20.35 35.23 -13.53
CA VAL B 215 -20.74 34.38 -14.66
C VAL B 215 -22.09 34.89 -15.17
N GLU B 216 -22.14 35.22 -16.45
CA GLU B 216 -23.32 35.77 -17.10
C GLU B 216 -23.67 34.98 -18.35
N PRO B 217 -24.93 35.03 -18.78
CA PRO B 217 -25.27 34.49 -20.10
C PRO B 217 -24.51 35.22 -21.19
N LYS B 218 -24.08 34.46 -22.20
CA LYS B 218 -23.24 34.98 -23.28
C LYS B 218 -24.09 35.57 -24.39
N SER B 219 -23.62 36.70 -24.94
CA SER B 219 -24.20 37.32 -26.12
C SER B 219 -25.70 37.54 -26.02
N ASP C 2 6.52 -14.56 -9.42
CA ASP C 2 7.20 -13.29 -9.27
C ASP C 2 7.05 -12.74 -7.85
N ASP C 3 6.21 -11.72 -7.70
CA ASP C 3 5.92 -11.14 -6.40
C ASP C 3 4.60 -11.70 -5.86
N ILE C 4 4.23 -11.26 -4.67
CA ILE C 4 3.01 -11.71 -4.01
C ILE C 4 1.99 -10.58 -4.14
N VAL C 5 1.01 -10.78 -5.02
CA VAL C 5 0.08 -9.72 -5.41
C VAL C 5 -1.30 -10.02 -4.81
N MET C 6 -1.93 -9.00 -4.26
CA MET C 6 -3.25 -9.12 -3.67
C MET C 6 -4.27 -8.32 -4.47
N THR C 7 -5.37 -8.97 -4.82
CA THR C 7 -6.39 -8.44 -5.71
C THR C 7 -7.72 -8.45 -4.98
N GLN C 8 -8.35 -7.28 -4.89
CA GLN C 8 -9.59 -7.11 -4.15
C GLN C 8 -10.78 -7.10 -5.11
N SER C 9 -11.80 -7.89 -4.80
CA SER C 9 -13.03 -7.91 -5.56
C SER C 9 -14.21 -7.67 -4.62
N PRO C 10 -15.11 -6.74 -4.92
CA PRO C 10 -15.08 -5.80 -6.06
C PRO C 10 -14.34 -4.51 -5.72
N SER C 11 -13.96 -3.72 -6.73
CA SER C 11 -13.31 -2.45 -6.46
C SER C 11 -14.30 -1.45 -5.85
N PHE C 12 -15.55 -1.47 -6.30
CA PHE C 12 -16.59 -0.61 -5.78
C PHE C 12 -17.80 -1.46 -5.44
N LEU C 13 -18.48 -1.11 -4.34
CA LEU C 13 -19.61 -1.90 -3.90
C LEU C 13 -20.54 -1.03 -3.07
N SER C 14 -21.81 -0.99 -3.47
CA SER C 14 -22.84 -0.18 -2.82
C SER C 14 -23.77 -1.07 -2.03
N ALA C 15 -23.99 -0.72 -0.76
CA ALA C 15 -24.88 -1.46 0.12
C ALA C 15 -25.77 -0.48 0.87
N SER C 16 -26.72 -1.03 1.61
CA SER C 16 -27.65 -0.27 2.42
C SER C 16 -27.38 -0.54 3.90
N VAL C 17 -27.80 0.42 4.74
CA VAL C 17 -27.62 0.25 6.18
C VAL C 17 -28.36 -0.99 6.65
N GLY C 18 -27.70 -1.78 7.49
CA GLY C 18 -28.25 -3.03 7.98
C GLY C 18 -27.92 -4.24 7.14
N ASP C 19 -27.24 -4.07 6.01
CA ASP C 19 -26.95 -5.17 5.11
C ASP C 19 -25.71 -5.95 5.56
N ARG C 20 -25.67 -7.23 5.19
CA ARG C 20 -24.50 -8.06 5.36
C ARG C 20 -23.59 -7.88 4.14
N VAL C 21 -22.33 -7.56 4.39
CA VAL C 21 -21.37 -7.20 3.34
C VAL C 21 -20.14 -8.09 3.47
N THR C 22 -19.65 -8.60 2.33
CA THR C 22 -18.43 -9.38 2.26
C THR C 22 -17.50 -8.81 1.21
N ILE C 23 -16.24 -8.60 1.59
CA ILE C 23 -15.19 -8.18 0.66
C ILE C 23 -14.16 -9.29 0.58
N THR C 24 -13.75 -9.61 -0.65
CA THR C 24 -12.85 -10.72 -0.91
C THR C 24 -11.46 -10.21 -1.29
N CYS C 25 -10.43 -10.82 -0.70
CA CYS C 25 -9.05 -10.53 -1.02
C CYS C 25 -8.38 -11.81 -1.49
N ARG C 26 -7.85 -11.80 -2.70
CA ARG C 26 -7.19 -12.97 -3.29
C ARG C 26 -5.71 -12.80 -3.50
N ALA C 27 -4.94 -13.74 -3.01
CA ALA C 27 -3.48 -13.72 -3.06
C ALA C 27 -2.97 -14.50 -4.27
N SER C 28 -1.83 -14.04 -4.80
CA SER C 28 -1.28 -14.67 -6.01
C SER C 28 -0.83 -16.10 -5.73
N GLN C 29 -0.25 -16.35 -4.55
CA GLN C 29 0.13 -17.70 -4.15
C GLN C 29 -0.31 -17.94 -2.72
N GLY C 30 -0.47 -19.23 -2.39
CA GLY C 30 -0.90 -19.64 -1.07
C GLY C 30 0.01 -19.13 0.04
N ILE C 31 -0.57 -18.54 1.06
CA ILE C 31 0.20 -17.90 2.12
C ILE C 31 -0.38 -18.30 3.47
N PRO C 32 0.44 -18.24 4.53
CA PRO C 32 -0.10 -18.46 5.87
C PRO C 32 -1.21 -17.47 6.19
N SER C 33 -2.27 -17.98 6.83
CA SER C 33 -3.39 -17.13 7.20
C SER C 33 -3.01 -16.08 8.22
N SER C 34 -1.93 -16.29 8.98
CA SER C 34 -1.47 -15.31 9.95
C SER C 34 -1.03 -14.01 9.29
N TYR C 35 -0.75 -14.04 7.97
CA TYR C 35 -0.19 -12.88 7.29
C TYR C 35 -1.22 -11.77 7.09
N LEU C 36 -2.49 -12.12 6.93
CA LEU C 36 -3.46 -11.12 6.50
C LEU C 36 -3.83 -10.14 7.59
N ALA C 37 -3.98 -8.89 7.18
CA ALA C 37 -4.60 -7.86 7.97
C ALA C 37 -5.59 -7.10 7.11
N TRP C 38 -6.69 -6.68 7.71
CA TRP C 38 -7.68 -5.84 7.05
C TRP C 38 -7.66 -4.45 7.67
N TYR C 39 -7.67 -3.43 6.81
CA TYR C 39 -7.62 -2.05 7.25
C TYR C 39 -8.80 -1.27 6.69
N GLN C 40 -9.29 -0.34 7.49
CA GLN C 40 -10.35 0.57 7.06
C GLN C 40 -9.80 2.00 7.04
N GLN C 41 -10.12 2.72 5.97
CA GLN C 41 -9.68 4.10 5.84
C GLN C 41 -10.83 4.95 5.33
N LYS C 42 -11.07 6.07 6.00
CA LYS C 42 -12.02 7.11 5.64
C LYS C 42 -11.29 8.29 5.02
N PRO C 43 -11.96 9.08 4.17
CA PRO C 43 -11.27 10.17 3.48
C PRO C 43 -10.63 11.15 4.46
N GLY C 44 -9.37 11.50 4.18
CA GLY C 44 -8.64 12.46 4.99
C GLY C 44 -8.07 11.92 6.27
N LYS C 45 -8.25 10.64 6.57
CA LYS C 45 -7.81 10.05 7.83
C LYS C 45 -6.91 8.84 7.56
N ALA C 46 -6.17 8.46 8.59
CA ALA C 46 -5.22 7.36 8.49
C ALA C 46 -5.95 6.03 8.48
N PRO C 47 -5.32 4.99 7.93
CA PRO C 47 -5.91 3.65 7.98
C PRO C 47 -6.05 3.15 9.41
N LYS C 48 -7.08 2.35 9.64
CA LYS C 48 -7.37 1.77 10.95
C LYS C 48 -7.32 0.25 10.83
N LEU C 49 -6.62 -0.39 11.76
CA LEU C 49 -6.48 -1.84 11.74
C LEU C 49 -7.76 -2.49 12.24
N LEU C 50 -8.38 -3.31 11.39
CA LEU C 50 -9.62 -4.02 11.72
C LEU C 50 -9.35 -5.45 12.18
N ILE C 51 -8.68 -6.23 11.33
CA ILE C 51 -8.43 -7.64 11.57
C ILE C 51 -6.96 -7.93 11.26
N TYR C 52 -6.36 -8.80 12.06
CA TYR C 52 -5.06 -9.39 11.76
C TYR C 52 -5.18 -10.90 11.89
N ALA C 53 -4.17 -11.62 11.39
CA ALA C 53 -4.18 -13.08 11.31
C ALA C 53 -5.37 -13.60 10.51
N ALA C 54 -5.98 -12.71 9.73
CA ALA C 54 -7.06 -13.00 8.77
C ALA C 54 -8.36 -13.35 9.48
N SER C 55 -8.32 -13.56 10.79
CA SER C 55 -9.51 -13.89 11.56
C SER C 55 -9.59 -13.24 12.93
N THR C 56 -8.49 -12.71 13.47
CA THR C 56 -8.47 -12.25 14.85
C THR C 56 -8.87 -10.79 14.90
N LEU C 57 -9.81 -10.47 15.79
CA LEU C 57 -10.43 -9.15 15.82
C LEU C 57 -9.58 -8.19 16.65
N GLN C 58 -9.20 -7.06 16.05
CA GLN C 58 -8.46 -6.04 16.77
C GLN C 58 -9.31 -5.45 17.90
N SER C 59 -8.67 -5.13 19.01
CA SER C 59 -9.37 -4.60 20.16
C SER C 59 -10.00 -3.25 19.84
N GLY C 60 -11.22 -3.03 20.35
CA GLY C 60 -11.95 -1.81 20.10
C GLY C 60 -12.73 -1.79 18.81
N VAL C 61 -12.58 -2.80 17.96
CA VAL C 61 -13.32 -2.90 16.71
C VAL C 61 -14.68 -3.53 17.02
N PRO C 62 -15.77 -3.02 16.44
CA PRO C 62 -17.09 -3.61 16.71
C PRO C 62 -17.15 -5.06 16.27
N SER C 63 -17.98 -5.84 16.99
CA SER C 63 -18.06 -7.28 16.76
C SER C 63 -18.66 -7.63 15.39
N ARG C 64 -19.30 -6.67 14.71
CA ARG C 64 -19.90 -6.97 13.42
C ARG C 64 -18.84 -7.30 12.36
N PHE C 65 -17.62 -6.79 12.53
CA PHE C 65 -16.54 -7.13 11.61
C PHE C 65 -16.04 -8.55 11.89
N SER C 66 -15.66 -9.23 10.82
CA SER C 66 -15.16 -10.60 10.93
C SER C 66 -14.38 -10.95 9.68
N GLY C 67 -13.27 -11.65 9.85
CA GLY C 67 -12.45 -12.09 8.75
C GLY C 67 -12.31 -13.60 8.73
N SER C 68 -12.11 -14.15 7.54
CA SER C 68 -11.93 -15.59 7.38
C SER C 68 -11.17 -15.85 6.09
N GLY C 69 -10.64 -17.07 5.99
CA GLY C 69 -9.94 -17.49 4.79
C GLY C 69 -8.65 -18.23 5.06
N SER C 70 -8.10 -18.86 4.01
CA SER C 70 -6.83 -19.55 4.07
C SER C 70 -6.40 -19.90 2.65
N GLY C 71 -5.10 -19.88 2.41
CA GLY C 71 -4.57 -20.20 1.11
C GLY C 71 -4.47 -19.00 0.18
N THR C 72 -5.40 -18.88 -0.76
CA THR C 72 -5.42 -17.78 -1.70
C THR C 72 -6.68 -16.94 -1.62
N GLU C 73 -7.62 -17.26 -0.76
CA GLU C 73 -8.83 -16.50 -0.67
C GLU C 73 -9.23 -16.18 0.74
N PHE C 74 -9.31 -14.91 1.05
CA PHE C 74 -9.67 -14.42 2.37
C PHE C 74 -10.73 -13.34 2.21
N THR C 75 -11.62 -13.25 3.20
CA THR C 75 -12.74 -12.33 3.15
C THR C 75 -12.86 -11.57 4.47
N LEU C 76 -13.48 -10.39 4.38
CA LEU C 76 -13.87 -9.59 5.53
C LEU C 76 -15.36 -9.29 5.43
N THR C 77 -16.06 -9.38 6.56
CA THR C 77 -17.51 -9.30 6.57
C THR C 77 -17.99 -8.36 7.66
N ILE C 78 -18.99 -7.54 7.34
CA ILE C 78 -19.74 -6.77 8.32
C ILE C 78 -21.14 -7.39 8.40
N SER C 79 -21.52 -7.84 9.59
CA SER C 79 -22.80 -8.54 9.76
C SER C 79 -23.97 -7.60 9.47
N SER C 80 -24.00 -6.44 10.12
CA SER C 80 -25.03 -5.44 9.91
C SER C 80 -24.34 -4.11 9.66
N LEU C 81 -24.35 -3.66 8.41
CA LEU C 81 -23.56 -2.49 8.02
C LEU C 81 -24.15 -1.22 8.64
N GLN C 82 -23.29 -0.44 9.28
CA GLN C 82 -23.65 0.77 9.98
C GLN C 82 -23.31 2.00 9.13
N PRO C 83 -23.95 3.14 9.41
CA PRO C 83 -23.62 4.35 8.65
C PRO C 83 -22.16 4.76 8.75
N GLU C 84 -21.51 4.51 9.88
CA GLU C 84 -20.10 4.83 10.03
C GLU C 84 -19.18 3.85 9.30
N ASP C 85 -19.72 2.75 8.79
CA ASP C 85 -18.90 1.73 8.14
C ASP C 85 -18.62 2.03 6.68
N PHE C 86 -19.27 3.04 6.10
CA PHE C 86 -19.07 3.36 4.68
C PHE C 86 -17.69 4.00 4.52
N ALA C 87 -16.73 3.22 4.04
CA ALA C 87 -15.36 3.69 3.88
C ALA C 87 -14.67 2.79 2.85
N THR C 88 -13.35 2.90 2.77
CA THR C 88 -12.53 2.08 1.89
C THR C 88 -11.76 1.07 2.72
N TYR C 89 -11.75 -0.19 2.28
CA TYR C 89 -11.14 -1.27 3.04
C TYR C 89 -10.02 -1.90 2.24
N TYR C 90 -8.81 -1.88 2.79
CA TYR C 90 -7.64 -2.47 2.17
C TYR C 90 -7.26 -3.76 2.91
N CYS C 91 -6.96 -4.80 2.14
CA CYS C 91 -6.42 -6.04 2.67
C CYS C 91 -4.90 -6.02 2.54
N GLN C 92 -4.22 -6.69 3.48
CA GLN C 92 -2.77 -6.62 3.54
C GLN C 92 -2.19 -7.97 3.95
N GLN C 93 -0.92 -8.16 3.60
CA GLN C 93 -0.15 -9.33 4.00
C GLN C 93 1.16 -8.87 4.62
N LEU C 94 1.41 -9.24 5.87
CA LEU C 94 2.64 -8.94 6.58
C LEU C 94 3.42 -10.25 6.73
N ASN C 95 4.32 -10.52 5.80
CA ASN C 95 5.04 -11.78 5.82
C ASN C 95 6.46 -11.59 6.35
N SER C 96 7.16 -12.71 6.54
CA SER C 96 8.42 -12.70 7.29
C SER C 96 9.52 -11.90 6.60
N TYR C 97 9.41 -11.62 5.29
CA TYR C 97 10.44 -10.86 4.60
C TYR C 97 9.84 -9.91 3.58
N PRO C 98 10.15 -8.62 3.66
CA PRO C 98 9.51 -7.62 2.78
C PRO C 98 9.63 -8.00 1.32
N PRO C 99 8.79 -7.44 0.45
CA PRO C 99 7.81 -6.36 0.67
C PRO C 99 6.50 -6.79 1.32
N TYR C 100 5.91 -5.89 2.12
CA TYR C 100 4.53 -6.04 2.57
C TYR C 100 3.61 -5.50 1.49
N THR C 101 2.73 -6.35 0.97
CA THR C 101 1.90 -6.00 -0.18
C THR C 101 0.47 -5.71 0.27
N PHE C 102 -0.16 -4.73 -0.39
CA PHE C 102 -1.54 -4.34 -0.13
C PHE C 102 -2.41 -4.68 -1.32
N GLY C 103 -3.70 -4.91 -1.04
CA GLY C 103 -4.69 -4.93 -2.08
C GLY C 103 -5.04 -3.53 -2.55
N GLN C 104 -5.74 -3.45 -3.67
CA GLN C 104 -6.07 -2.14 -4.24
C GLN C 104 -7.16 -1.41 -3.47
N GLY C 105 -7.84 -2.09 -2.54
CA GLY C 105 -8.87 -1.43 -1.76
C GLY C 105 -10.25 -1.58 -2.38
N THR C 106 -11.25 -1.65 -1.51
CA THR C 106 -12.64 -1.71 -1.91
C THR C 106 -13.39 -0.55 -1.30
N LYS C 107 -14.01 0.27 -2.14
CA LYS C 107 -14.80 1.41 -1.66
C LYS C 107 -16.22 0.96 -1.39
N LEU C 108 -16.73 1.30 -0.22
CA LEU C 108 -18.07 0.91 0.21
C LEU C 108 -18.95 2.15 0.19
N GLU C 109 -19.90 2.20 -0.74
CA GLU C 109 -20.75 3.35 -0.95
C GLU C 109 -22.20 3.00 -0.67
N ILE C 110 -23.07 4.02 -0.73
CA ILE C 110 -24.46 3.90 -0.30
C ILE C 110 -25.32 3.50 -1.48
N LYS C 111 -26.32 2.66 -1.21
CA LYS C 111 -27.20 2.13 -2.23
C LYS C 111 -28.46 2.98 -2.33
N ARG C 112 -28.75 3.46 -3.53
CA ARG C 112 -29.94 4.22 -3.78
C ARG C 112 -30.57 3.88 -5.11
N THR C 113 -31.66 4.52 -5.46
CA THR C 113 -32.34 4.21 -6.71
C THR C 113 -31.63 4.87 -7.89
N VAL C 114 -31.80 4.26 -9.06
CA VAL C 114 -31.12 4.73 -10.27
C VAL C 114 -31.59 6.13 -10.61
N ALA C 115 -30.64 6.97 -11.05
CA ALA C 115 -30.94 8.35 -11.41
C ALA C 115 -30.05 8.75 -12.60
N ALA C 116 -30.69 9.09 -13.72
CA ALA C 116 -29.95 9.49 -14.89
C ALA C 116 -29.31 10.88 -14.67
N PRO C 117 -28.18 11.14 -15.30
CA PRO C 117 -27.53 12.44 -15.15
C PRO C 117 -28.19 13.52 -16.00
N SER C 118 -28.11 14.75 -15.52
CA SER C 118 -28.48 15.93 -16.29
C SER C 118 -27.22 16.46 -16.99
N VAL C 119 -27.21 16.41 -18.32
CA VAL C 119 -26.01 16.63 -19.10
C VAL C 119 -25.96 18.07 -19.60
N PHE C 120 -24.82 18.73 -19.41
CA PHE C 120 -24.59 20.07 -19.92
C PHE C 120 -23.24 20.12 -20.63
N ILE C 121 -23.13 21.02 -21.60
CA ILE C 121 -21.88 21.28 -22.28
C ILE C 121 -21.57 22.76 -22.15
N PHE C 122 -20.29 23.09 -22.28
CA PHE C 122 -19.85 24.48 -22.13
C PHE C 122 -18.77 24.79 -23.16
N PRO C 123 -19.01 25.73 -24.06
CA PRO C 123 -17.95 26.20 -24.96
C PRO C 123 -16.88 26.95 -24.17
N PRO C 124 -15.65 26.98 -24.67
CA PRO C 124 -14.60 27.74 -23.96
C PRO C 124 -14.95 29.22 -23.91
N SER C 125 -14.61 29.84 -22.78
CA SER C 125 -14.87 31.26 -22.61
C SER C 125 -14.02 32.08 -23.58
N ASP C 126 -14.50 33.21 -24.00
CA ASP C 126 -13.74 34.05 -24.87
C ASP C 126 -12.55 34.59 -24.17
N GLU C 127 -12.58 34.57 -22.85
CA GLU C 127 -11.50 35.00 -22.04
C GLU C 127 -10.38 34.05 -22.22
N GLN C 128 -10.68 32.77 -22.27
CA GLN C 128 -9.68 31.79 -22.42
C GLN C 128 -9.19 31.72 -23.79
N LEU C 129 -10.06 31.80 -24.77
CA LEU C 129 -9.65 31.74 -26.17
C LEU C 129 -8.57 32.77 -26.48
N LYS C 130 -8.61 33.91 -25.81
CA LYS C 130 -7.59 34.94 -25.99
C LYS C 130 -6.29 34.58 -25.29
N SER C 131 -6.33 33.61 -24.36
CA SER C 131 -5.12 33.05 -23.78
C SER C 131 -4.44 32.02 -24.67
N GLY C 132 -5.13 31.53 -25.71
CA GLY C 132 -4.54 30.60 -26.64
C GLY C 132 -4.85 29.14 -26.42
N THR C 133 -5.69 28.81 -25.43
CA THR C 133 -6.10 27.44 -25.19
C THR C 133 -7.62 27.39 -25.07
N ALA C 134 -8.19 26.23 -25.42
CA ALA C 134 -9.64 26.04 -25.42
C ALA C 134 -9.98 24.86 -24.53
N SER C 135 -10.83 25.09 -23.53
CA SER C 135 -11.30 24.05 -22.63
C SER C 135 -12.80 23.89 -22.83
N VAL C 136 -13.22 22.73 -23.31
CA VAL C 136 -14.62 22.38 -23.46
C VAL C 136 -15.01 21.47 -22.31
N VAL C 137 -16.08 21.81 -21.61
CA VAL C 137 -16.46 21.17 -20.36
C VAL C 137 -17.83 20.52 -20.52
N CYS C 138 -17.90 19.22 -20.22
CA CYS C 138 -19.15 18.48 -20.18
C CYS C 138 -19.46 18.13 -18.74
N LEU C 139 -20.70 18.37 -18.31
CA LEU C 139 -21.10 18.17 -16.92
C LEU C 139 -22.23 17.16 -16.86
N LEU C 140 -22.00 16.07 -16.12
CA LEU C 140 -23.02 15.08 -15.80
C LEU C 140 -23.39 15.26 -14.34
N ASN C 141 -24.63 15.68 -14.08
CA ASN C 141 -25.02 16.21 -12.78
C ASN C 141 -26.01 15.28 -12.10
N ASN C 142 -25.70 14.87 -10.87
CA ASN C 142 -26.62 14.19 -9.95
C ASN C 142 -27.14 12.89 -10.56
N PHE C 143 -26.24 11.93 -10.72
CA PHE C 143 -26.58 10.61 -11.23
C PHE C 143 -26.19 9.51 -10.26
N TYR C 144 -26.84 8.36 -10.42
CA TYR C 144 -26.53 7.12 -9.71
C TYR C 144 -26.97 5.97 -10.59
N PRO C 145 -26.18 4.88 -10.66
CA PRO C 145 -24.87 4.65 -10.01
C PRO C 145 -23.73 5.38 -10.71
N ARG C 146 -22.53 5.33 -10.11
CA ARG C 146 -21.41 6.13 -10.57
C ARG C 146 -20.93 5.77 -11.97
N GLU C 147 -21.22 4.55 -12.44
CA GLU C 147 -20.64 4.06 -13.69
C GLU C 147 -21.29 4.77 -14.87
N ALA C 148 -20.51 5.53 -15.61
CA ALA C 148 -21.00 6.29 -16.76
C ALA C 148 -19.85 6.54 -17.73
N LYS C 149 -20.20 6.69 -19.01
CA LYS C 149 -19.22 6.91 -20.06
C LYS C 149 -19.48 8.25 -20.73
N VAL C 150 -18.43 9.03 -20.93
CA VAL C 150 -18.49 10.29 -21.67
C VAL C 150 -17.64 10.12 -22.91
N GLN C 151 -18.25 10.35 -24.07
CA GLN C 151 -17.59 10.26 -25.37
C GLN C 151 -17.51 11.64 -25.99
N TRP C 152 -16.30 12.16 -26.14
CA TRP C 152 -16.10 13.40 -26.87
C TRP C 152 -16.04 13.12 -28.35
N LYS C 153 -16.79 13.90 -29.13
CA LYS C 153 -16.71 13.87 -30.59
C LYS C 153 -16.49 15.28 -31.09
N VAL C 154 -15.53 15.45 -32.00
CA VAL C 154 -15.26 16.72 -32.64
C VAL C 154 -15.38 16.52 -34.14
N ASP C 155 -16.37 17.17 -34.74
CA ASP C 155 -16.73 16.93 -36.14
C ASP C 155 -16.99 15.44 -36.37
N ASN C 156 -17.67 14.81 -35.41
CA ASN C 156 -17.99 13.39 -35.39
C ASN C 156 -16.76 12.50 -35.27
N ALA C 157 -15.60 13.06 -34.93
CA ALA C 157 -14.40 12.26 -34.72
C ALA C 157 -14.25 11.97 -33.23
N LEU C 158 -14.26 10.69 -32.88
CA LEU C 158 -14.12 10.29 -31.48
C LEU C 158 -12.76 10.73 -30.96
N GLN C 159 -12.77 11.53 -29.90
CA GLN C 159 -11.55 12.14 -29.39
C GLN C 159 -10.97 11.30 -28.25
N SER C 160 -9.68 11.02 -28.34
CA SER C 160 -8.96 10.19 -27.38
C SER C 160 -7.66 10.85 -26.99
N GLY C 161 -7.35 10.81 -25.69
CA GLY C 161 -6.07 11.28 -25.19
C GLY C 161 -5.97 12.76 -24.93
N ASN C 162 -7.06 13.52 -25.11
CA ASN C 162 -7.04 14.97 -24.92
C ASN C 162 -8.10 15.41 -23.91
N SER C 163 -8.36 14.59 -22.89
CA SER C 163 -9.40 14.93 -21.94
C SER C 163 -9.14 14.22 -20.62
N GLN C 164 -9.42 14.92 -19.52
CA GLN C 164 -9.40 14.37 -18.18
C GLN C 164 -10.78 14.55 -17.57
N GLU C 165 -11.15 13.65 -16.65
CA GLU C 165 -12.46 13.72 -16.01
C GLU C 165 -12.32 13.52 -14.50
N SER C 166 -13.32 14.02 -13.78
CA SER C 166 -13.32 14.03 -12.33
C SER C 166 -14.72 13.72 -11.82
N VAL C 167 -14.79 12.98 -10.72
CA VAL C 167 -16.06 12.58 -10.11
C VAL C 167 -16.07 13.04 -8.66
N THR C 168 -17.22 13.47 -8.18
CA THR C 168 -17.35 13.94 -6.81
C THR C 168 -17.54 12.78 -5.86
N GLU C 169 -17.41 13.08 -4.56
CA GLU C 169 -17.80 12.11 -3.54
C GLU C 169 -19.33 11.98 -3.54
N GLN C 170 -19.80 10.84 -3.01
CA GLN C 170 -21.23 10.61 -2.95
C GLN C 170 -21.90 11.71 -2.13
N ASP C 171 -23.01 12.23 -2.65
CA ASP C 171 -23.67 13.37 -2.04
C ASP C 171 -24.15 13.04 -0.63
N SER C 172 -23.98 14.00 0.28
CA SER C 172 -24.43 13.79 1.65
C SER C 172 -25.95 13.69 1.75
N LYS C 173 -26.66 14.36 0.84
CA LYS C 173 -28.11 14.50 0.96
C LYS C 173 -28.89 13.49 0.13
N ASP C 174 -28.55 13.30 -1.13
CA ASP C 174 -29.26 12.33 -1.97
C ASP C 174 -28.36 11.20 -2.46
N SER C 175 -27.11 11.15 -2.02
CA SER C 175 -26.20 10.04 -2.31
C SER C 175 -26.06 9.78 -3.81
N THR C 176 -25.83 10.87 -4.56
CA THR C 176 -25.58 10.79 -5.99
C THR C 176 -24.14 11.17 -6.29
N TYR C 177 -23.77 11.05 -7.56
CA TYR C 177 -22.48 11.48 -8.05
C TYR C 177 -22.68 12.53 -9.14
N SER C 178 -21.70 13.39 -9.29
CA SER C 178 -21.62 14.32 -10.40
C SER C 178 -20.26 14.14 -11.09
N LEU C 179 -20.25 14.32 -12.41
CA LEU C 179 -19.04 14.14 -13.18
C LEU C 179 -18.77 15.38 -14.02
N SER C 180 -17.51 15.81 -14.04
CA SER C 180 -17.04 16.90 -14.88
C SER C 180 -15.96 16.37 -15.82
N SER C 181 -16.11 16.64 -17.11
CA SER C 181 -15.14 16.23 -18.12
C SER C 181 -14.69 17.47 -18.90
N THR C 182 -13.39 17.62 -19.07
CA THR C 182 -12.81 18.77 -19.75
C THR C 182 -12.00 18.31 -20.94
N LEU C 183 -12.37 18.81 -22.13
CA LEU C 183 -11.61 18.55 -23.36
C LEU C 183 -10.79 19.80 -23.66
N THR C 184 -9.48 19.62 -23.78
CA THR C 184 -8.55 20.74 -23.91
C THR C 184 -7.89 20.72 -25.29
N LEU C 185 -7.99 21.84 -26.01
CA LEU C 185 -7.30 22.01 -27.28
C LEU C 185 -6.62 23.37 -27.29
N SER C 186 -5.68 23.52 -28.22
CA SER C 186 -5.18 24.84 -28.56
C SER C 186 -6.27 25.65 -29.24
N LYS C 187 -6.13 26.97 -29.18
CA LYS C 187 -7.06 27.84 -29.89
C LYS C 187 -6.98 27.59 -31.39
N ALA C 188 -5.77 27.34 -31.91
CA ALA C 188 -5.60 27.05 -33.32
C ALA C 188 -6.36 25.79 -33.72
N ASP C 189 -6.19 24.70 -32.96
CA ASP C 189 -6.93 23.48 -33.24
C ASP C 189 -8.43 23.68 -33.02
N TYR C 190 -8.79 24.45 -31.99
CA TYR C 190 -10.20 24.66 -31.68
C TYR C 190 -10.93 25.33 -32.83
N GLU C 191 -10.27 26.26 -33.51
CA GLU C 191 -10.89 26.94 -34.65
C GLU C 191 -10.84 26.10 -35.92
N LYS C 192 -10.10 25.00 -35.94
CA LYS C 192 -10.03 24.13 -37.12
C LYS C 192 -11.27 23.25 -37.29
N HIS C 193 -12.16 23.22 -36.31
CA HIS C 193 -13.33 22.35 -36.35
C HIS C 193 -14.57 23.16 -35.97
N LYS C 194 -15.74 22.58 -36.23
CA LYS C 194 -17.01 23.27 -36.07
C LYS C 194 -17.88 22.71 -34.95
N VAL C 195 -18.12 21.40 -34.94
CA VAL C 195 -19.08 20.78 -34.04
C VAL C 195 -18.37 20.12 -32.88
N TYR C 196 -18.79 20.43 -31.67
CA TYR C 196 -18.26 19.85 -30.44
C TYR C 196 -19.38 19.22 -29.66
N ALA C 197 -19.19 17.96 -29.24
CA ALA C 197 -20.25 17.22 -28.58
C ALA C 197 -19.68 16.24 -27.57
N CYS C 198 -20.38 16.07 -26.46
CA CYS C 198 -20.09 15.02 -25.49
CA CYS C 198 -20.08 15.01 -25.50
C CYS C 198 -21.31 14.11 -25.40
N GLU C 199 -21.09 12.81 -25.58
CA GLU C 199 -22.14 11.82 -25.61
C GLU C 199 -22.06 10.97 -24.34
N VAL C 200 -23.17 10.90 -23.61
CA VAL C 200 -23.19 10.32 -22.27
C VAL C 200 -23.98 9.02 -22.30
N THR C 201 -23.38 7.96 -21.75
CA THR C 201 -24.04 6.67 -21.59
C THR C 201 -24.13 6.35 -20.12
N HIS C 202 -25.33 6.01 -19.66
CA HIS C 202 -25.56 5.69 -18.26
C HIS C 202 -26.76 4.75 -18.17
N GLN C 203 -26.84 4.06 -17.02
CA GLN C 203 -27.92 3.10 -16.80
C GLN C 203 -29.29 3.76 -16.85
N GLY C 204 -29.39 4.99 -16.33
CA GLY C 204 -30.67 5.67 -16.27
C GLY C 204 -31.19 6.19 -17.60
N LEU C 205 -30.36 6.20 -18.63
CA LEU C 205 -30.74 6.69 -19.95
C LEU C 205 -30.97 5.52 -20.89
N SER C 206 -32.15 5.49 -21.52
CA SER C 206 -32.46 4.40 -22.44
C SER C 206 -31.54 4.41 -23.66
N SER C 207 -31.04 5.58 -24.04
CA SER C 207 -30.12 5.76 -25.15
C SER C 207 -28.99 6.67 -24.70
N PRO C 208 -27.87 6.67 -25.42
CA PRO C 208 -26.87 7.72 -25.17
C PRO C 208 -27.47 9.09 -25.42
N VAL C 209 -27.06 10.06 -24.61
CA VAL C 209 -27.52 11.44 -24.72
C VAL C 209 -26.36 12.27 -25.22
N THR C 210 -26.62 13.07 -26.25
CA THR C 210 -25.61 13.93 -26.86
C THR C 210 -26.02 15.39 -26.66
N LYS C 211 -25.13 16.16 -26.06
CA LYS C 211 -25.26 17.61 -26.00
C LYS C 211 -24.12 18.23 -26.79
N SER C 212 -24.43 19.26 -27.57
CA SER C 212 -23.45 19.79 -28.51
C SER C 212 -23.71 21.26 -28.77
N PHE C 213 -22.66 21.92 -29.26
CA PHE C 213 -22.74 23.27 -29.79
C PHE C 213 -21.88 23.34 -31.04
N ASN C 214 -22.02 24.44 -31.78
CA ASN C 214 -21.20 24.72 -32.94
C ASN C 214 -20.36 25.95 -32.64
N ARG C 215 -19.08 25.90 -33.02
CA ARG C 215 -18.23 27.07 -32.87
C ARG C 215 -18.80 28.21 -33.70
N GLY C 216 -19.24 29.27 -33.02
CA GLY C 216 -19.99 30.33 -33.65
C GLY C 216 -21.48 30.13 -33.50
N GLU C 217 -21.93 29.87 -32.28
CA GLU C 217 -23.34 29.64 -31.95
C GLU C 217 -24.05 28.69 -32.92
#